data_5UDZ
#
_entry.id   5UDZ
#
_cell.length_a   76.429
_cell.length_b   76.429
_cell.length_c   105.615
_cell.angle_alpha   90.00
_cell.angle_beta   90.00
_cell.angle_gamma   90.00
#
_symmetry.space_group_name_H-M   'P 41'
#
loop_
_entity.id
_entity.type
_entity.pdbx_description
1 polymer 'Protein lin-28 homolog A'
2 polymer 'let-7f-1 pre-element'
3 non-polymer 'ZINC ION'
4 water water
#
loop_
_entity_poly.entity_id
_entity_poly.type
_entity_poly.pdbx_seq_one_letter_code
_entity_poly.pdbx_strand_id
1 'polypeptide(L)'
;AADEPQLLHGAGICKWFNVRMGFGFLSMTARAGVALDPPVDVFVHQSKLHMEGFRSLKEGEAVEFTFKKSAKGLESIRVT
GPGGVFCIGSERRPKGGDRCYNCGGLDHHAKECKLPPQPKKCHFCQSISHMVASCPLKAQQGPSAQGK
;
A,B
2 'polyribonucleotide' GGGGUAGUGAUUUUACCCUGGAGAU V,W
#
loop_
_chem_comp.id
_chem_comp.type
_chem_comp.name
_chem_comp.formula
A RNA linking ADENOSINE-5'-MONOPHOSPHATE 'C10 H14 N5 O7 P'
C RNA linking CYTIDINE-5'-MONOPHOSPHATE 'C9 H14 N3 O8 P'
G RNA linking GUANOSINE-5'-MONOPHOSPHATE 'C10 H14 N5 O8 P'
U RNA linking URIDINE-5'-MONOPHOSPHATE 'C9 H13 N2 O9 P'
ZN non-polymer 'ZINC ION' 'Zn 2'
#
# COMPACT_ATOMS: atom_id res chain seq x y z
N ASP A 3 -21.09 -43.09 17.84
CA ASP A 3 -20.50 -42.63 16.58
C ASP A 3 -20.88 -41.18 16.30
N GLU A 4 -19.86 -40.33 16.16
CA GLU A 4 -20.06 -38.90 15.95
C GLU A 4 -19.03 -38.36 14.93
N PRO A 5 -19.33 -37.22 14.30
CA PRO A 5 -18.60 -36.74 13.12
C PRO A 5 -17.14 -36.40 13.38
N GLN A 6 -16.27 -36.86 12.50
CA GLN A 6 -14.83 -36.60 12.57
C GLN A 6 -14.37 -35.57 11.53
N LEU A 7 -15.07 -35.48 10.39
CA LEU A 7 -14.76 -34.49 9.37
C LEU A 7 -16.00 -33.64 9.08
N LEU A 8 -15.81 -32.33 9.11
CA LEU A 8 -16.91 -31.38 9.06
C LEU A 8 -16.60 -30.23 8.12
N HIS A 9 -17.65 -29.67 7.54
CA HIS A 9 -17.51 -28.50 6.69
C HIS A 9 -17.74 -27.27 7.53
N GLY A 10 -16.95 -26.24 7.29
CA GLY A 10 -17.06 -25.00 8.03
C GLY A 10 -16.95 -23.79 7.11
N ALA A 11 -17.47 -22.65 7.56
CA ALA A 11 -17.27 -21.41 6.84
C ALA A 11 -17.06 -20.34 7.84
N GLY A 12 -16.39 -19.28 7.40
CA GLY A 12 -16.11 -18.16 8.24
C GLY A 12 -15.14 -17.20 7.59
N ILE A 13 -14.23 -16.65 8.41
CA ILE A 13 -13.22 -15.72 7.90
C ILE A 13 -11.89 -16.02 8.55
N CYS A 14 -10.82 -15.48 7.99
CA CYS A 14 -9.54 -15.59 8.67
C CYS A 14 -9.58 -14.63 9.88
N LYS A 15 -9.29 -15.14 11.07
CA LYS A 15 -9.29 -14.32 12.27
C LYS A 15 -7.97 -13.57 12.36
N TRP A 16 -6.87 -14.28 12.12
CA TRP A 16 -5.56 -13.67 12.02
C TRP A 16 -4.61 -14.67 11.37
N PHE A 17 -3.50 -14.17 10.85
CA PHE A 17 -2.50 -15.03 10.23
C PHE A 17 -1.16 -14.36 10.38
N ASN A 18 -0.15 -15.10 10.77
CA ASN A 18 1.21 -14.57 10.75
C ASN A 18 1.92 -15.17 9.56
N VAL A 19 2.18 -14.33 8.56
CA VAL A 19 2.74 -14.81 7.32
C VAL A 19 4.10 -15.47 7.49
N ARG A 20 5.03 -14.81 8.18
CA ARG A 20 6.37 -15.37 8.44
C ARG A 20 6.28 -16.73 9.10
N MET A 21 5.43 -16.87 10.11
CA MET A 21 5.32 -18.15 10.80
C MET A 21 4.56 -19.17 9.96
N GLY A 22 3.66 -18.67 9.13
CA GLY A 22 2.88 -19.54 8.29
C GLY A 22 1.71 -20.26 8.94
N PHE A 23 1.14 -19.66 9.97
CA PHE A 23 -0.11 -20.17 10.52
C PHE A 23 -0.92 -19.07 11.18
N GLY A 24 -2.13 -19.43 11.58
CA GLY A 24 -3.05 -18.51 12.22
C GLY A 24 -4.34 -19.21 12.56
N PHE A 25 -5.42 -18.45 12.67
CA PHE A 25 -6.71 -19.03 12.97
C PHE A 25 -7.81 -18.46 12.08
N LEU A 26 -8.80 -19.30 11.86
CA LEU A 26 -10.05 -18.90 11.21
C LEU A 26 -11.07 -18.71 12.32
N SER A 27 -12.00 -17.78 12.08
CA SER A 27 -13.16 -17.69 12.93
C SER A 27 -14.31 -18.38 12.16
N MET A 28 -14.78 -19.50 12.70
CA MET A 28 -15.82 -20.28 12.08
C MET A 28 -17.18 -19.71 12.48
N THR A 29 -17.93 -19.22 11.49
CA THR A 29 -19.26 -18.65 11.73
C THR A 29 -20.35 -19.67 11.39
N ALA A 30 -20.00 -20.75 10.70
CA ALA A 30 -20.97 -21.79 10.38
C ALA A 30 -20.29 -23.13 10.32
N ARG A 31 -20.91 -24.07 11.02
CA ARG A 31 -20.44 -25.45 11.10
C ARG A 31 -21.52 -26.39 10.54
N ALA A 32 -21.15 -27.10 9.47
CA ALA A 32 -22.06 -28.01 8.78
C ALA A 32 -23.38 -27.33 8.49
N GLY A 33 -23.30 -26.07 8.10
CA GLY A 33 -24.44 -25.32 7.62
C GLY A 33 -25.25 -24.73 8.75
N VAL A 34 -24.78 -24.89 9.99
CA VAL A 34 -25.43 -24.29 11.16
C VAL A 34 -24.64 -23.09 11.65
N ALA A 35 -25.32 -21.95 11.70
CA ALA A 35 -24.75 -20.69 12.17
C ALA A 35 -24.39 -20.80 13.64
N LEU A 36 -23.21 -20.33 14.00
CA LEU A 36 -22.71 -20.46 15.37
C LEU A 36 -22.67 -19.11 16.05
N ASP A 37 -22.99 -19.08 17.33
CA ASP A 37 -22.77 -17.88 18.16
C ASP A 37 -22.37 -18.36 19.56
N PRO A 38 -21.16 -18.01 20.01
CA PRO A 38 -20.18 -17.19 19.31
C PRO A 38 -19.46 -18.01 18.24
N PRO A 39 -18.79 -17.32 17.32
CA PRO A 39 -17.89 -17.98 16.37
C PRO A 39 -16.76 -18.71 17.10
N VAL A 40 -16.21 -19.76 16.52
CA VAL A 40 -15.15 -20.49 17.19
C VAL A 40 -13.87 -20.58 16.34
N ASP A 41 -12.75 -20.65 17.05
CA ASP A 41 -11.42 -20.60 16.44
C ASP A 41 -11.07 -21.95 15.83
N VAL A 42 -10.53 -21.93 14.62
CA VAL A 42 -10.08 -23.15 13.97
C VAL A 42 -8.66 -22.88 13.45
N PHE A 43 -7.72 -23.73 13.83
CA PHE A 43 -6.31 -23.52 13.46
C PHE A 43 -6.14 -23.65 11.94
N VAL A 44 -5.26 -22.85 11.38
CA VAL A 44 -4.93 -23.00 9.98
C VAL A 44 -3.43 -22.86 9.74
N HIS A 45 -2.89 -23.86 9.04
CA HIS A 45 -1.48 -23.93 8.66
C HIS A 45 -1.35 -23.57 7.18
N GLN A 46 -0.25 -22.91 6.80
CA GLN A 46 -0.03 -22.50 5.43
C GLN A 46 -0.13 -23.65 4.42
N SER A 47 0.19 -24.86 4.87
CA SER A 47 0.23 -26.00 3.95
C SER A 47 -1.17 -26.41 3.48
N LYS A 48 -2.22 -25.92 4.14
CA LYS A 48 -3.59 -26.30 3.84
C LYS A 48 -4.34 -25.24 3.03
N LEU A 49 -3.63 -24.18 2.68
CA LEU A 49 -4.23 -23.09 1.92
C LEU A 49 -4.25 -23.35 0.41
N HIS A 50 -5.45 -23.35 -0.14
CA HIS A 50 -5.64 -23.58 -1.56
C HIS A 50 -5.38 -22.30 -2.36
N MET A 51 -4.15 -22.14 -2.84
CA MET A 51 -3.80 -20.99 -3.64
C MET A 51 -2.47 -21.24 -4.32
N GLU A 52 -2.15 -20.41 -5.30
CA GLU A 52 -0.96 -20.59 -6.16
C GLU A 52 0.26 -19.85 -5.56
N GLY A 53 1.40 -20.52 -5.51
CA GLY A 53 2.63 -19.97 -4.96
C GLY A 53 2.67 -19.84 -3.44
N PHE A 54 3.57 -19.00 -2.93
CA PHE A 54 3.69 -18.81 -1.48
C PHE A 54 2.34 -18.49 -0.88
N ARG A 55 1.98 -19.24 0.16
CA ARG A 55 0.63 -19.30 0.65
C ARG A 55 0.47 -18.43 1.89
N SER A 56 -0.64 -17.70 1.92
CA SER A 56 -1.01 -16.91 3.09
C SER A 56 -2.54 -16.59 3.12
N LEU A 57 -2.98 -16.03 4.24
CA LEU A 57 -4.30 -15.44 4.34
C LEU A 57 -4.15 -14.05 4.91
N LYS A 58 -5.14 -13.20 4.67
CA LYS A 58 -5.24 -11.94 5.37
C LYS A 58 -6.48 -11.96 6.29
N GLU A 59 -6.36 -11.24 7.40
CA GLU A 59 -7.44 -11.04 8.35
C GLU A 59 -8.70 -10.63 7.60
N GLY A 60 -9.79 -11.30 7.93
CA GLY A 60 -11.07 -10.90 7.39
C GLY A 60 -11.44 -11.53 6.08
N GLU A 61 -10.55 -12.26 5.40
CA GLU A 61 -10.98 -12.80 4.11
C GLU A 61 -11.92 -13.97 4.29
N ALA A 62 -12.89 -14.10 3.38
CA ALA A 62 -13.90 -15.13 3.49
C ALA A 62 -13.35 -16.49 3.11
N VAL A 63 -13.61 -17.50 3.92
CA VAL A 63 -13.12 -18.86 3.68
C VAL A 63 -14.18 -19.93 3.90
N GLU A 64 -13.99 -21.06 3.24
CA GLU A 64 -14.65 -22.31 3.59
C GLU A 64 -13.55 -23.35 3.76
N PHE A 65 -13.86 -24.39 4.51
CA PHE A 65 -12.83 -25.32 4.86
C PHE A 65 -13.42 -26.62 5.36
N THR A 66 -12.58 -27.64 5.38
CA THR A 66 -12.93 -28.90 6.02
C THR A 66 -12.07 -28.91 7.27
N PHE A 67 -12.59 -29.40 8.38
CA PHE A 67 -11.80 -29.42 9.62
C PHE A 67 -12.08 -30.69 10.44
N LYS A 68 -11.16 -30.97 11.37
CA LYS A 68 -11.33 -32.08 12.31
C LYS A 68 -11.00 -31.56 13.70
N LYS A 69 -11.30 -32.35 14.71
CA LYS A 69 -10.91 -32.04 16.08
C LYS A 69 -9.62 -32.79 16.38
N SER A 70 -8.54 -32.09 16.69
CA SER A 70 -7.29 -32.75 17.03
C SER A 70 -7.06 -32.47 18.50
N ALA A 71 -6.01 -33.07 19.08
CA ALA A 71 -5.78 -32.96 20.51
C ALA A 71 -5.67 -31.51 20.95
N LYS A 72 -5.17 -30.66 20.06
CA LYS A 72 -4.91 -29.28 20.45
C LYS A 72 -6.15 -28.45 20.29
N GLY A 73 -7.09 -28.92 19.48
CA GLY A 73 -8.26 -28.13 19.13
C GLY A 73 -8.69 -28.32 17.67
N LEU A 74 -9.74 -27.61 17.29
CA LEU A 74 -10.23 -27.69 15.93
C LEU A 74 -9.14 -27.23 14.96
N GLU A 75 -8.98 -27.98 13.89
CA GLU A 75 -7.92 -27.78 12.93
C GLU A 75 -8.44 -27.94 11.50
N SER A 76 -8.11 -26.97 10.65
CA SER A 76 -8.50 -27.03 9.25
C SER A 76 -7.60 -28.02 8.51
N ILE A 77 -8.21 -28.75 7.60
CA ILE A 77 -7.59 -29.79 6.80
C ILE A 77 -7.37 -29.27 5.39
N ARG A 78 -8.23 -28.37 4.96
CA ARG A 78 -8.01 -27.65 3.73
C ARG A 78 -8.86 -26.39 3.75
N VAL A 79 -8.36 -25.31 3.15
CA VAL A 79 -8.99 -24.02 3.26
C VAL A 79 -9.05 -23.35 1.90
N THR A 80 -10.23 -22.89 1.53
CA THR A 80 -10.46 -22.22 0.25
C THR A 80 -11.24 -20.95 0.46
N GLY A 81 -11.43 -20.18 -0.62
CA GLY A 81 -12.41 -19.13 -0.63
C GLY A 81 -13.80 -19.74 -0.76
N PRO A 82 -14.84 -18.89 -0.79
CA PRO A 82 -16.21 -19.39 -0.88
C PRO A 82 -16.36 -20.20 -2.14
N GLY A 83 -17.08 -21.32 -2.05
CA GLY A 83 -17.37 -22.12 -3.22
C GLY A 83 -16.18 -22.94 -3.66
N GLY A 84 -15.10 -22.93 -2.87
CA GLY A 84 -13.96 -23.81 -3.17
C GLY A 84 -12.92 -23.15 -4.07
N VAL A 85 -13.04 -21.84 -4.29
CA VAL A 85 -12.07 -21.13 -5.12
C VAL A 85 -10.79 -20.81 -4.33
N PHE A 86 -9.82 -20.17 -4.98
CA PHE A 86 -8.53 -19.90 -4.35
C PHE A 86 -8.70 -18.83 -3.27
N CYS A 87 -7.86 -18.91 -2.24
CA CYS A 87 -7.73 -17.87 -1.22
C CYS A 87 -7.07 -16.63 -1.77
N ILE A 88 -7.18 -15.50 -1.05
CA ILE A 88 -6.65 -14.20 -1.50
C ILE A 88 -5.22 -14.01 -1.05
N GLY A 89 -5.01 -14.12 0.25
CA GLY A 89 -3.69 -13.91 0.82
C GLY A 89 -3.38 -12.48 1.24
N SER A 90 -2.20 -12.36 1.84
CA SER A 90 -1.63 -11.13 2.33
C SER A 90 -1.73 -10.05 1.29
N GLU A 91 -1.89 -8.80 1.73
CA GLU A 91 -2.02 -7.70 0.78
C GLU A 91 -0.68 -7.45 0.07
N ARG A 92 0.41 -8.01 0.60
CA ARG A 92 1.75 -7.86 0.03
C ARG A 92 2.06 -8.92 -1.03
N ARG A 93 1.12 -9.84 -1.25
CA ARG A 93 1.34 -11.00 -2.12
C ARG A 93 1.62 -10.57 -3.56
N PRO A 94 2.74 -11.04 -4.13
CA PRO A 94 3.00 -10.72 -5.54
C PRO A 94 1.85 -11.17 -6.44
N LYS A 95 1.38 -10.27 -7.30
CA LYS A 95 0.30 -10.52 -8.27
C LYS A 95 -1.07 -10.63 -7.63
N GLY A 96 -1.12 -10.51 -6.30
CA GLY A 96 -2.34 -10.78 -5.55
C GLY A 96 -3.46 -9.79 -5.78
N GLY A 97 -3.16 -8.71 -6.50
CA GLY A 97 -4.14 -7.69 -6.82
C GLY A 97 -4.71 -7.85 -8.21
N ASP A 98 -4.35 -8.93 -8.89
CA ASP A 98 -4.78 -9.16 -10.25
C ASP A 98 -5.25 -10.61 -10.39
N ARG A 99 -6.42 -10.90 -9.84
CA ARG A 99 -6.95 -12.25 -9.73
C ARG A 99 -8.15 -12.44 -10.65
N CYS A 100 -8.34 -13.65 -11.15
CA CYS A 100 -9.56 -13.96 -11.90
C CYS A 100 -10.80 -13.67 -11.05
N TYR A 101 -11.74 -12.89 -11.56
CA TYR A 101 -12.94 -12.56 -10.78
C TYR A 101 -13.69 -13.81 -10.38
N ASN A 102 -13.55 -14.87 -11.16
CA ASN A 102 -14.40 -16.04 -10.96
C ASN A 102 -13.82 -17.04 -9.95
N CYS A 103 -12.52 -17.31 -10.05
CA CYS A 103 -11.89 -18.33 -9.20
C CYS A 103 -10.75 -17.81 -8.33
N GLY A 104 -10.37 -16.54 -8.51
CA GLY A 104 -9.29 -15.93 -7.74
C GLY A 104 -7.88 -16.26 -8.22
N GLY A 105 -7.78 -17.04 -9.28
CA GLY A 105 -6.50 -17.42 -9.86
C GLY A 105 -5.67 -16.28 -10.43
N LEU A 106 -4.37 -16.50 -10.40
CA LEU A 106 -3.40 -15.48 -10.76
C LEU A 106 -2.99 -15.46 -12.24
N ASP A 107 -3.37 -16.48 -13.01
CA ASP A 107 -2.82 -16.65 -14.39
C ASP A 107 -3.85 -16.44 -15.51
N HIS A 108 -5.02 -15.90 -15.20
CA HIS A 108 -6.05 -15.71 -16.20
C HIS A 108 -7.12 -14.78 -15.67
N HIS A 109 -8.02 -14.38 -16.56
CA HIS A 109 -9.14 -13.51 -16.22
C HIS A 109 -10.42 -14.25 -16.46
N ALA A 110 -11.53 -13.69 -15.98
CA ALA A 110 -12.79 -14.42 -15.86
C ALA A 110 -13.27 -14.99 -17.20
N LYS A 111 -13.04 -14.25 -18.28
CA LYS A 111 -13.45 -14.71 -19.61
C LYS A 111 -12.76 -16.02 -19.98
N GLU A 112 -11.50 -16.18 -19.57
CA GLU A 112 -10.75 -17.39 -19.88
C GLU A 112 -10.92 -18.51 -18.83
N CYS A 113 -11.75 -18.30 -17.81
CA CYS A 113 -11.76 -19.23 -16.66
C CYS A 113 -12.32 -20.59 -17.03
N LYS A 114 -11.62 -21.64 -16.64
CA LYS A 114 -12.04 -23.01 -17.01
C LYS A 114 -13.03 -23.63 -16.04
N LEU A 115 -13.34 -22.93 -14.96
CA LEU A 115 -14.37 -23.38 -14.05
C LEU A 115 -15.66 -22.67 -14.41
N PRO A 116 -16.80 -23.28 -14.04
CA PRO A 116 -18.10 -22.67 -14.31
C PRO A 116 -18.32 -21.37 -13.52
N PRO A 117 -19.30 -20.53 -13.93
CA PRO A 117 -19.52 -19.26 -13.23
C PRO A 117 -19.82 -19.47 -11.75
N GLN A 118 -19.07 -18.77 -10.90
CA GLN A 118 -19.23 -18.87 -9.44
C GLN A 118 -20.05 -17.67 -8.98
N PRO A 119 -20.56 -17.73 -7.74
CA PRO A 119 -21.19 -16.56 -7.15
C PRO A 119 -20.21 -15.39 -7.14
N LYS A 120 -20.74 -14.19 -7.25
CA LYS A 120 -19.95 -12.98 -7.17
C LYS A 120 -19.34 -12.84 -5.80
N LYS A 121 -18.04 -12.62 -5.79
CA LYS A 121 -17.32 -12.43 -4.55
C LYS A 121 -16.85 -10.99 -4.47
N CYS A 122 -16.88 -10.42 -3.27
CA CYS A 122 -16.31 -9.10 -3.03
C CYS A 122 -14.89 -9.05 -3.54
N HIS A 123 -14.58 -8.01 -4.30
CA HIS A 123 -13.25 -7.82 -4.88
C HIS A 123 -12.18 -7.69 -3.81
N PHE A 124 -12.54 -7.31 -2.60
CA PHE A 124 -11.54 -7.04 -1.57
C PHE A 124 -11.41 -8.17 -0.52
N CYS A 125 -12.52 -8.84 -0.18
CA CYS A 125 -12.46 -9.87 0.87
C CYS A 125 -13.08 -11.23 0.47
N GLN A 126 -13.58 -11.32 -0.76
CA GLN A 126 -14.20 -12.54 -1.30
C GLN A 126 -15.55 -12.98 -0.69
N SER A 127 -16.12 -12.17 0.21
CA SER A 127 -17.46 -12.44 0.71
C SER A 127 -18.45 -12.51 -0.42
N ILE A 128 -19.40 -13.45 -0.32
CA ILE A 128 -20.48 -13.53 -1.32
C ILE A 128 -21.73 -12.80 -0.83
N SER A 129 -21.66 -12.12 0.30
CA SER A 129 -22.84 -11.44 0.82
C SER A 129 -22.81 -9.91 0.61
N HIS A 130 -21.70 -9.39 0.10
CA HIS A 130 -21.63 -8.00 -0.32
C HIS A 130 -20.64 -7.86 -1.46
N MET A 131 -20.76 -6.76 -2.17
CA MET A 131 -19.80 -6.35 -3.18
C MET A 131 -18.95 -5.21 -2.60
N VAL A 132 -17.87 -4.87 -3.30
CA VAL A 132 -16.79 -4.13 -2.68
C VAL A 132 -17.22 -2.72 -2.26
N ALA A 133 -18.20 -2.14 -2.97
CA ALA A 133 -18.67 -0.79 -2.60
C ALA A 133 -19.24 -0.77 -1.19
N SER A 134 -19.60 -1.93 -0.65
CA SER A 134 -20.10 -2.00 0.72
C SER A 134 -19.19 -2.86 1.63
N CYS A 135 -17.94 -3.04 1.25
CA CYS A 135 -17.06 -3.94 2.04
C CYS A 135 -16.64 -3.34 3.40
N PRO A 136 -17.04 -3.99 4.52
CA PRO A 136 -16.63 -3.35 5.78
C PRO A 136 -15.16 -3.55 6.07
N LEU A 137 -14.56 -4.59 5.49
CA LEU A 137 -13.13 -4.83 5.71
C LEU A 137 -12.37 -3.72 5.06
N LYS A 138 -12.71 -3.40 3.83
CA LYS A 138 -12.01 -2.32 3.14
C LYS A 138 -12.18 -0.98 3.89
N ALA A 139 -13.37 -0.75 4.43
CA ALA A 139 -13.67 0.49 5.17
C ALA A 139 -12.83 0.67 6.46
N GLN A 140 -12.54 -0.41 7.16
CA GLN A 140 -11.75 -0.29 8.40
C GLN A 140 -10.25 -0.53 8.14
N GLN A 141 -9.81 -0.30 6.90
CA GLN A 141 -8.43 -0.57 6.51
C GLN A 141 -7.74 0.73 6.11
N ASP B 3 19.92 46.49 -0.49
CA ASP B 3 19.56 45.97 0.83
C ASP B 3 19.76 44.44 0.86
N GLU B 4 19.27 43.78 1.92
CA GLU B 4 19.55 42.36 2.16
C GLU B 4 18.90 41.41 1.13
N PRO B 5 19.47 40.21 0.99
CA PRO B 5 18.87 39.16 0.15
C PRO B 5 17.49 38.74 0.65
N GLN B 6 16.53 38.76 -0.26
CA GLN B 6 15.14 38.58 0.04
C GLN B 6 14.63 37.19 -0.36
N LEU B 7 15.26 36.61 -1.37
CA LEU B 7 14.74 35.43 -2.03
C LEU B 7 15.86 34.40 -2.00
N LEU B 8 15.70 33.38 -1.16
CA LEU B 8 16.81 32.54 -0.78
C LEU B 8 16.64 31.12 -1.31
N HIS B 9 17.75 30.46 -1.60
CA HIS B 9 17.73 29.08 -2.06
C HIS B 9 17.87 28.10 -0.89
N GLY B 10 17.03 27.08 -0.91
CA GLY B 10 17.11 26.04 0.10
C GLY B 10 17.03 24.64 -0.47
N ALA B 11 17.53 23.67 0.30
CA ALA B 11 17.31 22.25 -0.01
C ALA B 11 17.09 21.45 1.26
N GLY B 12 16.48 20.28 1.10
CA GLY B 12 16.17 19.44 2.24
C GLY B 12 15.16 18.39 1.89
N ILE B 13 14.31 18.10 2.88
CA ILE B 13 13.29 17.09 2.75
C ILE B 13 12.00 17.61 3.36
N CYS B 14 10.88 17.00 2.97
CA CYS B 14 9.62 17.38 3.62
C CYS B 14 9.63 16.85 5.06
N LYS B 15 9.32 17.72 6.02
CA LYS B 15 9.32 17.30 7.42
C LYS B 15 7.99 16.63 7.72
N TRP B 16 6.91 17.32 7.41
CA TRP B 16 5.59 16.70 7.41
C TRP B 16 4.67 17.48 6.52
N PHE B 17 3.54 16.89 6.18
CA PHE B 17 2.57 17.60 5.36
C PHE B 17 1.21 17.01 5.60
N ASN B 18 0.22 17.86 5.79
CA ASN B 18 -1.16 17.39 5.92
C ASN B 18 -1.90 17.67 4.63
N VAL B 19 -2.22 16.61 3.91
CA VAL B 19 -2.85 16.76 2.61
C VAL B 19 -4.13 17.59 2.69
N ARG B 20 -5.08 17.15 3.50
CA ARG B 20 -6.36 17.85 3.67
C ARG B 20 -6.19 19.33 4.00
N MET B 21 -5.38 19.67 4.99
CA MET B 21 -5.21 21.08 5.37
C MET B 21 -4.41 21.84 4.31
N GLY B 22 -3.60 21.13 3.55
CA GLY B 22 -2.89 21.72 2.42
C GLY B 22 -1.68 22.54 2.81
N PHE B 23 -1.02 22.14 3.90
CA PHE B 23 0.25 22.76 4.26
C PHE B 23 1.09 21.85 5.16
N GLY B 24 2.33 22.25 5.40
CA GLY B 24 3.25 21.50 6.22
C GLY B 24 4.56 22.24 6.38
N PHE B 25 5.62 21.51 6.67
CA PHE B 25 6.95 22.07 6.76
C PHE B 25 7.96 21.21 6.03
N LEU B 26 8.97 21.93 5.57
CA LEU B 26 10.17 21.34 5.04
C LEU B 26 11.23 21.43 6.11
N SER B 27 12.09 20.43 6.15
CA SER B 27 13.32 20.52 6.91
C SER B 27 14.49 20.85 5.99
N MET B 28 14.96 22.09 6.11
CA MET B 28 16.05 22.60 5.30
C MET B 28 17.40 22.20 5.86
N THR B 29 18.11 21.34 5.11
CA THR B 29 19.41 20.87 5.51
C THR B 29 20.52 21.63 4.82
N ALA B 30 20.16 22.52 3.90
CA ALA B 30 21.15 23.34 3.20
C ALA B 30 20.56 24.63 2.74
N ARG B 31 21.23 25.73 3.09
CA ARG B 31 20.79 27.07 2.74
C ARG B 31 21.83 27.74 1.85
N ALA B 32 21.37 28.18 0.70
CA ALA B 32 22.23 28.75 -0.31
C ALA B 32 23.40 27.81 -0.57
N GLY B 33 23.12 26.51 -0.53
CA GLY B 33 24.12 25.50 -0.81
C GLY B 33 25.07 25.20 0.34
N VAL B 34 24.81 25.76 1.52
CA VAL B 34 25.69 25.60 2.67
C VAL B 34 24.98 24.73 3.67
N ALA B 35 25.62 23.66 4.11
CA ALA B 35 24.97 22.69 5.00
C ALA B 35 24.60 23.33 6.34
N LEU B 36 23.42 22.98 6.85
CA LEU B 36 22.94 23.45 8.14
C LEU B 36 22.92 22.30 9.15
N ASP B 37 23.50 22.55 10.32
CA ASP B 37 23.33 21.64 11.45
C ASP B 37 23.13 22.51 12.67
N PRO B 38 21.94 22.45 13.28
CA PRO B 38 20.81 21.59 12.93
C PRO B 38 19.99 22.18 11.76
N PRO B 39 19.23 21.34 11.07
CA PRO B 39 18.31 21.79 10.02
C PRO B 39 17.30 22.82 10.54
N VAL B 40 16.72 23.60 9.64
CA VAL B 40 15.75 24.64 9.99
C VAL B 40 14.43 24.39 9.28
N ASP B 41 13.32 24.55 9.99
CA ASP B 41 12.02 24.28 9.40
C ASP B 41 11.63 25.41 8.47
N VAL B 42 10.93 25.08 7.39
CA VAL B 42 10.42 26.09 6.47
C VAL B 42 8.99 25.75 6.15
N PHE B 43 8.10 26.71 6.36
CA PHE B 43 6.69 26.51 6.07
C PHE B 43 6.47 26.25 4.58
N VAL B 44 5.56 25.35 4.25
CA VAL B 44 5.15 25.15 2.86
C VAL B 44 3.64 24.97 2.69
N HIS B 45 3.09 25.74 1.77
CA HIS B 45 1.67 25.66 1.42
C HIS B 45 1.51 24.94 0.08
N GLN B 46 0.40 24.22 -0.05
CA GLN B 46 0.16 23.40 -1.25
C GLN B 46 0.22 24.20 -2.54
N SER B 47 -0.13 25.48 -2.50
CA SER B 47 -0.17 26.29 -3.72
C SER B 47 1.23 26.55 -4.27
N LYS B 48 2.26 26.27 -3.46
CA LYS B 48 3.63 26.57 -3.88
C LYS B 48 4.38 25.33 -4.38
N LEU B 49 3.68 24.21 -4.43
CA LEU B 49 4.26 22.93 -4.89
C LEU B 49 4.22 22.77 -6.40
N HIS B 50 5.37 22.40 -6.94
CA HIS B 50 5.53 22.13 -8.37
C HIS B 50 5.30 20.66 -8.71
N MET B 51 4.13 20.37 -9.26
CA MET B 51 3.77 19.03 -9.69
C MET B 51 2.49 19.11 -10.50
N GLU B 52 2.18 18.03 -11.20
CA GLU B 52 1.01 18.01 -12.05
C GLU B 52 -0.20 17.59 -11.23
N GLY B 53 -1.28 18.33 -11.36
CA GLY B 53 -2.54 17.94 -10.72
C GLY B 53 -2.59 18.30 -9.25
N PHE B 54 -3.46 17.62 -8.50
CA PHE B 54 -3.59 17.89 -7.09
C PHE B 54 -2.22 17.83 -6.41
N ARG B 55 -1.93 18.83 -5.59
CA ARG B 55 -0.60 19.03 -5.03
C ARG B 55 -0.47 18.55 -3.60
N SER B 56 0.63 17.83 -3.32
CA SER B 56 0.91 17.36 -1.96
C SER B 56 2.39 17.02 -1.84
N LEU B 57 2.87 16.85 -0.61
CA LEU B 57 4.16 16.24 -0.36
C LEU B 57 4.01 15.04 0.57
N LYS B 58 4.96 14.12 0.49
CA LYS B 58 5.09 13.05 1.48
C LYS B 58 6.31 13.27 2.36
N GLU B 59 6.19 12.89 3.62
CA GLU B 59 7.29 12.97 4.56
C GLU B 59 8.54 12.34 3.96
N GLY B 60 9.65 13.05 4.09
CA GLY B 60 10.93 12.49 3.70
C GLY B 60 11.31 12.73 2.25
N GLU B 61 10.39 13.18 1.40
CA GLU B 61 10.80 13.38 0.00
C GLU B 61 11.78 14.55 -0.11
N ALA B 62 12.73 14.40 -1.01
CA ALA B 62 13.81 15.37 -1.21
C ALA B 62 13.29 16.56 -2.00
N VAL B 63 13.61 17.76 -1.51
CA VAL B 63 13.13 18.98 -2.14
C VAL B 63 14.23 20.01 -2.30
N GLU B 64 13.96 20.92 -3.24
CA GLU B 64 14.79 22.08 -3.46
C GLU B 64 13.80 23.19 -3.68
N PHE B 65 14.11 24.40 -3.20
CA PHE B 65 13.11 25.45 -3.13
C PHE B 65 13.69 26.85 -2.97
N THR B 66 12.84 27.84 -3.19
CA THR B 66 13.19 29.19 -2.82
C THR B 66 12.32 29.54 -1.63
N PHE B 67 12.83 30.40 -0.76
CA PHE B 67 12.06 30.81 0.39
C PHE B 67 12.42 32.25 0.79
N LYS B 68 11.60 32.79 1.69
CA LYS B 68 11.78 34.15 2.17
C LYS B 68 11.36 34.20 3.63
N LYS B 69 11.87 35.18 4.35
CA LYS B 69 11.38 35.47 5.70
C LYS B 69 9.94 35.95 5.57
N SER B 70 9.09 35.51 6.48
CA SER B 70 7.73 36.02 6.57
C SER B 70 7.52 36.51 7.99
N ALA B 71 6.34 37.08 8.23
CA ALA B 71 5.97 37.51 9.56
C ALA B 71 5.94 36.35 10.52
N LYS B 72 5.60 35.15 10.03
CA LYS B 72 5.44 33.99 10.90
C LYS B 72 6.66 33.07 11.00
N GLY B 73 7.69 33.32 10.20
CA GLY B 73 8.89 32.48 10.21
C GLY B 73 9.52 32.48 8.84
N LEU B 74 9.65 31.29 8.25
CA LEU B 74 10.24 31.15 6.93
C LEU B 74 9.19 30.51 6.04
N GLU B 75 9.05 31.02 4.82
CA GLU B 75 7.97 30.62 3.92
C GLU B 75 8.48 30.25 2.54
N SER B 76 8.09 29.06 2.08
CA SER B 76 8.45 28.58 0.74
C SER B 76 7.73 29.39 -0.34
N ILE B 77 8.47 29.75 -1.38
CA ILE B 77 7.92 30.47 -2.52
C ILE B 77 7.59 29.50 -3.63
N ARG B 78 8.51 28.56 -3.86
CA ARG B 78 8.28 27.52 -4.85
C ARG B 78 9.07 26.30 -4.47
N VAL B 79 8.44 25.13 -4.54
CA VAL B 79 9.05 23.90 -4.05
C VAL B 79 9.02 22.86 -5.14
N THR B 80 10.19 22.31 -5.42
CA THR B 80 10.35 21.30 -6.45
C THR B 80 11.12 20.13 -5.88
N GLY B 81 11.26 19.07 -6.69
CA GLY B 81 12.28 18.07 -6.46
C GLY B 81 13.66 18.59 -6.81
N PRO B 82 14.69 17.84 -6.46
CA PRO B 82 16.03 18.34 -6.79
C PRO B 82 16.16 18.63 -8.29
N GLY B 83 16.83 19.73 -8.62
CA GLY B 83 17.05 20.13 -9.99
C GLY B 83 15.82 20.71 -10.67
N GLY B 84 14.78 21.01 -9.89
CA GLY B 84 13.59 21.67 -10.42
C GLY B 84 12.52 20.76 -10.98
N VAL B 85 12.66 19.46 -10.78
CA VAL B 85 11.68 18.51 -11.26
C VAL B 85 10.41 18.55 -10.40
N PHE B 86 9.40 17.79 -10.80
CA PHE B 86 8.16 17.71 -10.03
C PHE B 86 8.40 17.03 -8.68
N CYS B 87 7.62 17.43 -7.68
CA CYS B 87 7.59 16.72 -6.40
C CYS B 87 6.91 15.35 -6.58
N ILE B 88 7.05 14.49 -5.57
CA ILE B 88 6.48 13.15 -5.61
C ILE B 88 5.03 13.16 -5.13
N GLY B 89 4.81 13.66 -3.93
CA GLY B 89 3.46 13.74 -3.40
C GLY B 89 3.12 12.59 -2.48
N SER B 90 1.95 12.68 -1.89
CA SER B 90 1.42 11.63 -1.03
C SER B 90 1.48 10.25 -1.66
N GLU B 91 1.69 9.24 -0.81
CA GLU B 91 1.78 7.86 -1.26
C GLU B 91 0.47 7.43 -1.91
N ARG B 92 -0.61 8.13 -1.58
CA ARG B 92 -1.94 7.87 -2.14
C ARG B 92 -2.18 8.50 -3.51
N ARG B 93 -1.24 9.32 -3.97
CA ARG B 93 -1.46 10.13 -5.17
C ARG B 93 -1.77 9.26 -6.40
N PRO B 94 -2.91 9.51 -7.08
CA PRO B 94 -3.13 8.81 -8.34
C PRO B 94 -1.94 8.97 -9.30
N LYS B 95 -1.50 7.85 -9.86
CA LYS B 95 -0.38 7.76 -10.81
C LYS B 95 0.97 7.98 -10.17
N GLY B 96 0.99 8.32 -8.88
CA GLY B 96 2.20 8.68 -8.18
C GLY B 96 3.30 7.63 -8.18
N GLY B 97 2.93 6.36 -8.37
CA GLY B 97 3.92 5.29 -8.38
C GLY B 97 4.51 5.05 -9.75
N ASP B 98 4.11 5.84 -10.74
CA ASP B 98 4.57 5.64 -12.11
C ASP B 98 5.07 6.95 -12.73
N ARG B 99 6.31 7.32 -12.37
CA ARG B 99 6.88 8.62 -12.69
C ARG B 99 8.02 8.50 -13.68
N CYS B 100 8.18 9.48 -14.58
CA CYS B 100 9.37 9.56 -15.42
C CYS B 100 10.58 9.62 -14.51
N TYR B 101 11.56 8.74 -14.74
CA TYR B 101 12.74 8.70 -13.88
C TYR B 101 13.46 10.04 -13.94
N ASN B 102 13.36 10.73 -15.07
CA ASN B 102 14.20 11.91 -15.28
C ASN B 102 13.60 13.18 -14.69
N CYS B 103 12.29 13.39 -14.89
CA CYS B 103 11.61 14.61 -14.40
C CYS B 103 10.51 14.38 -13.37
N GLY B 104 10.19 13.13 -13.06
CA GLY B 104 9.12 12.83 -12.10
C GLY B 104 7.70 12.97 -12.65
N GLY B 105 7.61 13.27 -13.95
CA GLY B 105 6.34 13.50 -14.62
C GLY B 105 5.47 12.26 -14.76
N LEU B 106 4.14 12.45 -14.81
CA LEU B 106 3.21 11.33 -14.82
C LEU B 106 2.75 10.83 -16.19
N ASP B 107 3.15 11.50 -17.26
CA ASP B 107 2.57 11.22 -18.58
C ASP B 107 3.56 10.57 -19.56
N HIS B 108 4.68 10.08 -19.05
CA HIS B 108 5.73 9.55 -19.91
C HIS B 108 6.85 8.94 -19.09
N HIS B 109 7.71 8.19 -19.79
CA HIS B 109 8.92 7.61 -19.21
C HIS B 109 10.17 8.24 -19.81
N ALA B 110 11.31 7.92 -19.23
CA ALA B 110 12.55 8.66 -19.42
C ALA B 110 12.97 8.73 -20.88
N LYS B 111 12.78 7.63 -21.61
CA LYS B 111 13.14 7.60 -23.03
C LYS B 111 12.42 8.68 -23.82
N GLU B 112 11.12 8.83 -23.57
CA GLU B 112 10.31 9.82 -24.27
C GLU B 112 10.38 11.18 -23.59
N CYS B 113 11.24 11.32 -22.59
CA CYS B 113 11.31 12.61 -21.89
C CYS B 113 11.91 13.58 -22.89
N LYS B 114 11.35 14.77 -22.89
CA LYS B 114 11.77 15.79 -23.82
C LYS B 114 12.58 16.83 -23.09
N LEU B 115 12.66 16.73 -21.76
CA LEU B 115 13.47 17.66 -20.93
C LEU B 115 14.88 17.18 -20.74
N PRO B 116 15.84 18.12 -20.48
CA PRO B 116 17.26 17.75 -20.51
C PRO B 116 17.62 16.72 -19.43
N PRO B 117 18.67 15.92 -19.65
CA PRO B 117 19.06 14.91 -18.67
C PRO B 117 19.33 15.53 -17.33
N GLN B 118 18.73 14.94 -16.30
CA GLN B 118 18.90 15.36 -14.91
C GLN B 118 19.76 14.35 -14.21
N PRO B 119 20.40 14.74 -13.10
CA PRO B 119 21.09 13.78 -12.25
C PRO B 119 20.15 12.66 -11.77
N LYS B 120 20.72 11.49 -11.52
CA LYS B 120 19.96 10.36 -11.00
C LYS B 120 19.41 10.69 -9.61
N LYS B 121 18.14 10.39 -9.43
CA LYS B 121 17.43 10.64 -8.18
C LYS B 121 16.92 9.30 -7.67
N CYS B 122 16.97 9.10 -6.36
CA CYS B 122 16.42 7.91 -5.73
C CYS B 122 14.99 7.63 -6.23
N HIS B 123 14.73 6.40 -6.67
CA HIS B 123 13.40 6.04 -7.17
C HIS B 123 12.30 6.17 -6.11
N PHE B 124 12.67 6.22 -4.83
CA PHE B 124 11.66 6.26 -3.77
C PHE B 124 11.46 7.65 -3.17
N CYS B 125 12.53 8.41 -2.96
CA CYS B 125 12.44 9.71 -2.30
C CYS B 125 12.98 10.89 -3.15
N GLN B 126 13.46 10.62 -4.35
CA GLN B 126 14.07 11.60 -5.25
C GLN B 126 15.40 12.23 -4.82
N SER B 127 15.96 11.81 -3.69
CA SER B 127 17.30 12.30 -3.31
C SER B 127 18.35 12.08 -4.41
N ILE B 128 19.23 13.07 -4.63
CA ILE B 128 20.35 12.92 -5.54
C ILE B 128 21.60 12.40 -4.84
N SER B 129 21.50 12.14 -3.53
CA SER B 129 22.64 11.72 -2.70
C SER B 129 22.71 10.20 -2.54
N HIS B 130 21.69 9.47 -2.95
CA HIS B 130 21.73 8.01 -2.86
C HIS B 130 20.78 7.43 -3.85
N MET B 131 20.92 6.13 -4.09
CA MET B 131 20.00 5.39 -4.94
C MET B 131 19.14 4.45 -4.09
N VAL B 132 18.10 3.92 -4.70
CA VAL B 132 17.04 3.31 -3.90
C VAL B 132 17.50 2.12 -3.06
N ALA B 133 18.47 1.34 -3.53
CA ALA B 133 18.98 0.23 -2.72
C ALA B 133 19.49 0.66 -1.36
N SER B 134 19.85 1.94 -1.20
CA SER B 134 20.32 2.45 0.10
C SER B 134 19.43 3.54 0.66
N CYS B 135 18.16 3.58 0.26
CA CYS B 135 17.32 4.69 0.66
C CYS B 135 16.85 4.57 2.12
N PRO B 136 17.27 5.53 2.98
CA PRO B 136 16.83 5.42 4.38
C PRO B 136 15.34 5.63 4.59
N LEU B 137 14.70 6.42 3.75
CA LEU B 137 13.25 6.58 3.89
C LEU B 137 12.54 5.26 3.58
N LYS B 138 12.95 4.56 2.52
CA LYS B 138 12.28 3.29 2.20
C LYS B 138 12.49 2.30 3.34
N ALA B 139 13.67 2.35 3.95
CA ALA B 139 13.96 1.51 5.10
C ALA B 139 13.05 1.76 6.31
N GLN B 140 11.97 2.53 6.13
CA GLN B 140 10.83 2.52 7.07
C GLN B 140 9.52 2.22 6.34
N GLN B 141 9.13 3.12 5.44
CA GLN B 141 7.96 2.90 4.57
C GLN B 141 8.35 2.19 3.26
ZN ZN E . -10.67 -18.33 -13.03
ZN ZN F . -15.68 -7.33 1.24
ZN ZN G . 10.33 13.23 -17.88
ZN ZN H . 15.75 7.59 -1.21
#